data_8EOM
#
_entry.id   8EOM
#
_cell.length_a   43.523
_cell.length_b   51.188
_cell.length_c   105.601
_cell.angle_alpha   90.000
_cell.angle_beta   90.000
_cell.angle_gamma   90.000
#
_symmetry.space_group_name_H-M   'P 21 21 21'
#
loop_
_entity.id
_entity.type
_entity.pdbx_description
1 polymer 'TP53-binding protein 1'
2 non-polymer 4-(4-methylpiperazine-1-sulfonyl)benzamide
3 non-polymer 'UNKNOWN ATOM OR ION'
4 non-polymer 'SULFATE ION'
5 water water
#
_entity_poly.entity_id   1
_entity_poly.type   'polypeptide(L)'
_entity_poly.pdbx_seq_one_letter_code
;GGNSFVGLRVVAKWSSNGYFYSGKITRDVGAGKYKLLFDDGYECDVLGKDILLCDPIPLDTEVTALSEDEYFSAGVVKGH
RKESGELYYSIEKEGQRKWYKRMAVILSLEQGNRLREQYGLGPYE
;
_entity_poly.pdbx_strand_id   A,B
#
# COMPACT_ATOMS: atom_id res chain seq x y z
N GLY A 2 30.18 -3.58 -21.79
CA GLY A 2 29.94 -4.49 -20.61
C GLY A 2 29.11 -3.82 -19.53
N ASN A 3 28.18 -2.93 -19.89
CA ASN A 3 27.35 -2.16 -18.93
C ASN A 3 26.05 -2.92 -18.68
N SER A 4 25.47 -2.72 -17.51
CA SER A 4 24.26 -3.41 -17.02
C SER A 4 23.43 -2.37 -16.27
N PHE A 5 22.12 -2.53 -16.22
CA PHE A 5 21.26 -1.63 -15.41
C PHE A 5 21.15 -2.21 -14.01
N VAL A 6 21.73 -3.39 -13.79
CA VAL A 6 21.59 -4.09 -12.49
C VAL A 6 22.17 -3.22 -11.35
N GLY A 7 21.37 -3.06 -10.29
CA GLY A 7 21.67 -2.26 -9.09
C GLY A 7 21.27 -0.79 -9.20
N LEU A 8 20.77 -0.33 -10.35
CA LEU A 8 20.30 1.09 -10.50
C LEU A 8 19.01 1.26 -9.72
N ARG A 9 18.94 2.37 -8.99
CA ARG A 9 17.72 2.84 -8.29
C ARG A 9 16.82 3.52 -9.31
N VAL A 10 15.56 3.15 -9.29
CA VAL A 10 14.57 3.58 -10.31
C VAL A 10 13.24 3.82 -9.60
N VAL A 11 12.30 4.32 -10.38
N VAL A 11 12.30 4.40 -10.32
CA VAL A 11 10.86 4.42 -10.00
CA VAL A 11 10.87 4.35 -9.92
C VAL A 11 10.10 3.71 -11.10
C VAL A 11 10.17 3.65 -11.07
N ALA A 12 9.43 2.60 -10.78
CA ALA A 12 8.93 1.63 -11.78
C ALA A 12 7.43 1.39 -11.58
N LYS A 13 6.72 1.20 -12.67
CA LYS A 13 5.24 1.09 -12.65
C LYS A 13 4.81 -0.25 -12.05
N TRP A 14 3.87 -0.20 -11.10
CA TRP A 14 3.11 -1.36 -10.60
C TRP A 14 1.86 -1.56 -11.48
N SER A 15 1.73 -2.71 -12.16
N SER A 15 1.75 -2.71 -12.15
CA SER A 15 0.78 -2.86 -13.31
CA SER A 15 0.79 -2.94 -13.28
C SER A 15 -0.67 -2.67 -12.83
C SER A 15 -0.65 -2.68 -12.82
N SER A 16 -1.01 -3.16 -11.63
CA SER A 16 -2.41 -3.18 -11.11
C SER A 16 -3.00 -1.75 -10.99
N ASN A 17 -2.21 -0.77 -10.60
CA ASN A 17 -2.78 0.58 -10.39
C ASN A 17 -2.11 1.65 -11.25
N GLY A 18 -1.02 1.35 -11.96
CA GLY A 18 -0.34 2.30 -12.86
C GLY A 18 0.54 3.31 -12.13
N TYR A 19 0.65 3.22 -10.80
CA TYR A 19 1.55 4.10 -10.02
C TYR A 19 2.99 3.58 -10.11
N PHE A 20 3.94 4.50 -10.03
CA PHE A 20 5.39 4.22 -10.09
C PHE A 20 5.91 4.28 -8.67
N TYR A 21 6.67 3.27 -8.27
CA TYR A 21 7.17 3.10 -6.89
C TYR A 21 8.70 2.95 -6.95
N SER A 22 9.36 3.38 -5.88
CA SER A 22 10.82 3.30 -5.72
C SER A 22 11.26 1.83 -5.64
N GLY A 23 12.29 1.47 -6.40
CA GLY A 23 12.92 0.15 -6.33
C GLY A 23 14.29 0.14 -6.98
N LYS A 24 14.81 -1.06 -7.24
CA LYS A 24 16.14 -1.28 -7.84
C LYS A 24 15.99 -2.38 -8.89
N ILE A 25 16.73 -2.28 -9.99
CA ILE A 25 16.78 -3.35 -11.01
C ILE A 25 17.69 -4.45 -10.49
N THR A 26 17.26 -5.71 -10.59
CA THR A 26 18.06 -6.88 -10.11
C THR A 26 18.43 -7.81 -11.27
N ARG A 27 17.82 -7.71 -12.43
CA ARG A 27 18.16 -8.59 -13.58
C ARG A 27 17.59 -8.01 -14.86
N ASP A 28 18.32 -8.12 -15.98
CA ASP A 28 17.76 -8.05 -17.35
C ASP A 28 17.21 -9.44 -17.70
N VAL A 29 15.89 -9.57 -17.85
CA VAL A 29 15.19 -10.89 -17.92
C VAL A 29 14.78 -11.19 -19.36
N GLY A 30 15.08 -10.29 -20.32
CA GLY A 30 14.66 -10.42 -21.73
C GLY A 30 13.27 -9.85 -22.00
N ALA A 31 12.94 -9.70 -23.29
CA ALA A 31 11.71 -9.07 -23.81
C ALA A 31 11.64 -7.60 -23.37
N GLY A 32 12.80 -6.95 -23.20
CA GLY A 32 12.92 -5.57 -22.70
C GLY A 32 12.20 -5.42 -21.37
N LYS A 33 12.09 -6.51 -20.60
CA LYS A 33 11.64 -6.56 -19.18
C LYS A 33 12.87 -6.65 -18.27
N TYR A 34 12.74 -6.17 -17.04
CA TYR A 34 13.79 -6.22 -16.00
C TYR A 34 13.12 -6.66 -14.71
N LYS A 35 13.84 -7.43 -13.89
CA LYS A 35 13.34 -7.83 -12.55
C LYS A 35 13.53 -6.63 -11.61
N LEU A 36 12.47 -6.30 -10.88
CA LEU A 36 12.41 -5.12 -10.00
C LEU A 36 12.29 -5.62 -8.56
N LEU A 37 13.17 -5.18 -7.68
CA LEU A 37 12.93 -5.28 -6.23
C LEU A 37 12.46 -3.92 -5.76
N PHE A 38 11.20 -3.82 -5.35
CA PHE A 38 10.66 -2.57 -4.80
C PHE A 38 11.13 -2.42 -3.36
N ASP A 39 11.22 -1.17 -2.94
CA ASP A 39 11.58 -0.80 -1.57
C ASP A 39 10.59 -1.46 -0.59
N ASP A 40 9.33 -1.62 -0.98
CA ASP A 40 8.28 -2.16 -0.06
C ASP A 40 8.40 -3.71 0.03
N GLY A 41 9.36 -4.33 -0.66
CA GLY A 41 9.71 -5.75 -0.48
C GLY A 41 9.13 -6.65 -1.55
N TYR A 42 8.34 -6.11 -2.48
CA TYR A 42 7.71 -6.88 -3.58
C TYR A 42 8.69 -6.97 -4.76
N GLU A 43 8.60 -8.06 -5.53
CA GLU A 43 9.45 -8.26 -6.71
C GLU A 43 8.56 -8.64 -7.89
N CYS A 44 8.80 -8.09 -9.07
CA CYS A 44 8.14 -8.53 -10.32
C CYS A 44 8.94 -8.06 -11.53
N ASP A 45 8.56 -8.53 -12.72
CA ASP A 45 9.17 -8.14 -14.01
C ASP A 45 8.46 -6.89 -14.50
N VAL A 46 9.20 -5.86 -14.89
CA VAL A 46 8.63 -4.60 -15.43
C VAL A 46 9.28 -4.31 -16.78
N LEU A 47 8.48 -3.83 -17.74
CA LEU A 47 8.94 -3.38 -19.08
C LEU A 47 9.88 -2.19 -18.91
N GLY A 48 10.98 -2.18 -19.66
CA GLY A 48 11.90 -1.03 -19.69
C GLY A 48 11.17 0.28 -19.86
N LYS A 49 10.14 0.30 -20.71
CA LYS A 49 9.39 1.55 -21.05
C LYS A 49 8.69 2.12 -19.80
N ASP A 50 8.42 1.27 -18.81
CA ASP A 50 7.67 1.62 -17.56
C ASP A 50 8.65 1.80 -16.39
N ILE A 51 9.93 1.99 -16.68
CA ILE A 51 10.94 2.26 -15.63
C ILE A 51 11.52 3.66 -15.87
N LEU A 52 11.49 4.48 -14.83
CA LEU A 52 12.03 5.84 -14.82
C LEU A 52 13.36 5.81 -14.08
N LEU A 53 14.44 6.24 -14.74
CA LEU A 53 15.79 6.31 -14.18
C LEU A 53 15.92 7.59 -13.37
N CYS A 54 15.09 7.72 -12.34
CA CYS A 54 15.03 8.90 -11.44
C CYS A 54 15.70 8.57 -10.15
N ASP A 55 16.85 9.20 -9.90
CA ASP A 55 17.54 9.04 -8.60
C ASP A 55 18.40 10.26 -8.37
N PRO A 56 17.84 11.36 -7.82
CA PRO A 56 16.46 11.42 -7.35
C PRO A 56 15.43 11.91 -8.38
N ILE A 57 14.14 11.85 -8.03
CA ILE A 57 13.08 12.54 -8.82
C ILE A 57 13.44 14.02 -8.82
N PRO A 58 13.41 14.68 -9.98
CA PRO A 58 13.92 16.03 -10.06
C PRO A 58 13.07 17.06 -9.27
N LEU A 59 13.71 18.16 -8.87
CA LEU A 59 13.02 19.33 -8.31
C LEU A 59 11.91 19.79 -9.25
N ASP A 60 10.80 20.24 -8.64
CA ASP A 60 9.59 20.85 -9.28
C ASP A 60 8.65 19.78 -9.85
N THR A 61 8.97 18.50 -9.69
CA THR A 61 8.14 17.39 -10.20
C THR A 61 6.89 17.27 -9.35
N GLU A 62 5.72 17.14 -10.00
CA GLU A 62 4.45 16.80 -9.34
C GLU A 62 4.47 15.30 -8.96
N VAL A 63 4.33 15.02 -7.68
CA VAL A 63 4.39 13.65 -7.12
C VAL A 63 3.21 13.37 -6.19
N THR A 64 3.21 12.17 -5.63
CA THR A 64 2.24 11.69 -4.62
C THR A 64 2.99 11.17 -3.38
N ALA A 65 2.56 11.59 -2.19
CA ALA A 65 3.08 11.11 -0.89
C ALA A 65 2.28 9.88 -0.45
N LEU A 66 2.96 8.83 -0.05
CA LEU A 66 2.35 7.64 0.59
C LEU A 66 3.21 7.29 1.79
N SER A 67 2.77 7.76 2.95
CA SER A 67 3.39 7.42 4.25
C SER A 67 2.33 6.81 5.17
N GLU A 68 2.75 6.42 6.36
CA GLU A 68 1.80 5.93 7.39
C GLU A 68 0.69 6.97 7.65
N ASP A 69 0.95 8.27 7.56
CA ASP A 69 -0.06 9.29 7.96
C ASP A 69 -0.66 10.01 6.75
N GLU A 70 -0.11 9.84 5.55
CA GLU A 70 -0.56 10.58 4.35
C GLU A 70 -0.82 9.60 3.21
N TYR A 71 -2.09 9.39 2.90
CA TYR A 71 -2.51 8.34 1.94
C TYR A 71 -2.78 8.98 0.57
N PHE A 72 -1.82 8.82 -0.34
CA PHE A 72 -1.90 9.33 -1.73
C PHE A 72 -2.23 10.83 -1.75
N SER A 73 -1.36 11.63 -1.13
N SER A 73 -1.39 11.64 -1.12
CA SER A 73 -1.49 13.11 -1.09
CA SER A 73 -1.53 13.13 -1.12
C SER A 73 -0.60 13.74 -2.16
C SER A 73 -0.60 13.73 -2.17
N ALA A 74 -1.18 14.40 -3.17
CA ALA A 74 -0.42 15.04 -4.26
C ALA A 74 0.38 16.25 -3.72
N GLY A 75 1.57 16.49 -4.28
CA GLY A 75 2.41 17.65 -3.94
C GLY A 75 3.52 17.86 -4.95
N VAL A 76 4.37 18.86 -4.72
CA VAL A 76 5.48 19.19 -5.66
C VAL A 76 6.81 19.02 -4.94
N VAL A 77 7.75 18.34 -5.56
CA VAL A 77 9.13 18.24 -4.99
C VAL A 77 9.81 19.62 -4.99
N LYS A 78 10.19 20.14 -3.83
CA LYS A 78 10.90 21.44 -3.74
C LYS A 78 12.31 21.25 -3.17
N GLY A 79 12.64 20.08 -2.65
CA GLY A 79 13.96 19.84 -2.02
C GLY A 79 14.36 18.39 -2.06
N HIS A 80 15.66 18.14 -1.97
CA HIS A 80 16.31 16.84 -1.72
C HIS A 80 17.24 16.99 -0.53
N ARG A 81 17.34 15.97 0.34
CA ARG A 81 18.28 15.97 1.49
C ARG A 81 18.84 14.56 1.63
N LYS A 82 20.14 14.41 1.91
CA LYS A 82 20.72 13.15 2.40
C LYS A 82 20.83 13.24 3.93
N GLU A 83 20.47 12.15 4.61
CA GLU A 83 20.66 11.96 6.07
C GLU A 83 20.97 10.49 6.32
N SER A 84 22.14 10.21 6.88
CA SER A 84 22.61 8.84 7.24
C SER A 84 22.34 7.86 6.09
N GLY A 85 22.77 8.21 4.87
CA GLY A 85 22.75 7.34 3.68
C GLY A 85 21.37 7.24 3.05
N GLU A 86 20.39 7.99 3.57
CA GLU A 86 18.97 7.93 3.11
C GLU A 86 18.64 9.21 2.35
N LEU A 87 17.89 9.09 1.27
CA LEU A 87 17.38 10.26 0.52
C LEU A 87 16.01 10.67 1.07
N TYR A 88 15.80 11.96 1.32
CA TYR A 88 14.50 12.55 1.66
C TYR A 88 14.08 13.58 0.61
N TYR A 89 12.78 13.68 0.37
CA TYR A 89 12.16 14.70 -0.50
C TYR A 89 11.40 15.69 0.37
N SER A 90 11.56 16.98 0.07
CA SER A 90 10.73 18.08 0.62
C SER A 90 9.58 18.31 -0.36
N ILE A 91 8.36 18.06 0.08
CA ILE A 91 7.17 18.05 -0.80
C ILE A 91 6.25 19.15 -0.33
N GLU A 92 5.95 20.06 -1.24
CA GLU A 92 5.09 21.24 -0.98
C GLU A 92 3.65 20.90 -1.33
N LYS A 93 2.77 21.00 -0.34
N LYS A 93 2.72 21.18 -0.42
CA LYS A 93 1.32 20.70 -0.42
CA LYS A 93 1.25 21.06 -0.66
C LYS A 93 0.60 21.77 0.40
C LYS A 93 0.51 21.88 0.38
N GLU A 94 -0.59 22.19 -0.03
N GLU A 94 -0.51 22.62 -0.06
CA GLU A 94 -1.14 23.50 0.39
CA GLU A 94 -1.41 23.40 0.82
C GLU A 94 -0.04 24.53 0.07
C GLU A 94 -0.56 24.36 1.66
N GLY A 95 0.44 25.24 1.11
N GLY A 95 0.41 25.00 1.00
CA GLY A 95 1.65 26.09 1.04
CA GLY A 95 1.22 26.12 1.51
C GLY A 95 2.69 25.66 2.08
C GLY A 95 2.25 25.67 2.53
N GLN A 96 2.64 24.40 2.51
CA GLN A 96 3.50 23.82 3.58
C GLN A 96 4.45 22.78 2.96
N ARG A 97 5.71 22.76 3.38
CA ARG A 97 6.70 21.71 2.97
C ARG A 97 6.88 20.71 4.11
N LYS A 98 6.88 19.40 3.78
CA LYS A 98 7.15 18.28 4.71
C LYS A 98 8.18 17.35 4.08
N TRP A 99 8.98 16.68 4.92
CA TRP A 99 10.02 15.71 4.51
C TRP A 99 9.42 14.31 4.45
N TYR A 100 9.78 13.57 3.41
CA TYR A 100 9.35 12.19 3.15
C TYR A 100 10.57 11.38 2.76
N LYS A 101 10.69 10.16 3.28
CA LYS A 101 11.69 9.18 2.88
C LYS A 101 11.48 8.85 1.40
N ARG A 102 12.51 8.39 0.71
CA ARG A 102 12.44 7.96 -0.69
C ARG A 102 11.20 7.07 -0.92
N MET A 103 11.02 6.02 -0.11
CA MET A 103 9.98 4.97 -0.26
C MET A 103 8.59 5.58 -0.27
N ALA A 104 8.43 6.72 0.38
CA ALA A 104 7.13 7.36 0.63
C ALA A 104 6.76 8.28 -0.55
N VAL A 105 7.55 8.34 -1.62
CA VAL A 105 7.21 9.23 -2.77
C VAL A 105 6.97 8.35 -4.00
N ILE A 106 5.80 8.48 -4.61
CA ILE A 106 5.33 7.63 -5.73
C ILE A 106 4.80 8.59 -6.80
N LEU A 107 4.51 8.09 -7.98
CA LEU A 107 3.98 8.89 -9.10
C LEU A 107 2.74 8.18 -9.63
N SER A 108 1.65 8.92 -9.82
CA SER A 108 0.45 8.42 -10.53
C SER A 108 0.87 8.15 -11.98
N LEU A 109 0.09 7.37 -12.72
CA LEU A 109 0.36 7.17 -14.15
C LEU A 109 0.57 8.53 -14.82
N GLU A 110 -0.32 9.49 -14.61
CA GLU A 110 -0.20 10.80 -15.27
C GLU A 110 1.06 11.54 -14.80
N GLN A 111 1.40 11.46 -13.50
CA GLN A 111 2.63 12.09 -13.00
C GLN A 111 3.86 11.42 -13.63
N GLY A 112 3.93 10.10 -13.71
CA GLY A 112 5.07 9.37 -14.27
C GLY A 112 5.26 9.65 -15.76
N ASN A 113 4.15 9.80 -16.50
CA ASN A 113 4.18 10.11 -17.96
C ASN A 113 4.90 11.44 -18.21
N ARG A 114 4.87 12.40 -17.28
CA ARG A 114 5.60 13.69 -17.43
C ARG A 114 7.11 13.49 -17.38
N LEU A 115 7.60 12.35 -16.87
CA LEU A 115 9.06 12.10 -16.76
C LEU A 115 9.55 11.10 -17.83
N ARG A 116 8.66 10.44 -18.53
CA ARG A 116 9.00 9.23 -19.30
C ARG A 116 9.93 9.62 -20.48
N GLU A 117 9.64 10.71 -21.16
CA GLU A 117 10.45 11.08 -22.35
C GLU A 117 11.91 11.30 -21.94
N GLN A 118 12.19 11.97 -20.82
CA GLN A 118 13.56 12.31 -20.38
C GLN A 118 14.19 11.14 -19.58
N TYR A 119 13.41 10.37 -18.80
CA TYR A 119 13.98 9.47 -17.75
C TYR A 119 13.62 8.01 -18.03
N GLY A 120 12.73 7.74 -19.00
CA GLY A 120 12.25 6.37 -19.27
C GLY A 120 13.36 5.50 -19.85
N LEU A 121 13.44 4.22 -19.45
CA LEU A 121 14.53 3.29 -19.89
C LEU A 121 14.32 2.76 -21.32
N GLY A 122 13.09 2.73 -21.82
CA GLY A 122 12.75 2.22 -23.17
C GLY A 122 13.81 2.57 -24.24
N PRO A 123 14.04 3.87 -24.54
CA PRO A 123 15.03 4.26 -25.56
C PRO A 123 16.43 3.67 -25.36
N TYR A 124 16.84 3.42 -24.10
CA TYR A 124 18.14 2.81 -23.72
C TYR A 124 18.01 1.28 -23.69
N SER B 4 -9.16 -9.92 29.01
CA SER B 4 -8.60 -8.91 28.06
C SER B 4 -8.73 -9.43 26.63
N PHE B 5 -8.41 -8.59 25.63
CA PHE B 5 -8.59 -8.88 24.19
C PHE B 5 -7.26 -9.20 23.54
N VAL B 6 -6.20 -9.43 24.33
CA VAL B 6 -4.82 -9.61 23.80
C VAL B 6 -4.73 -10.96 23.09
N GLY B 7 -4.20 -10.96 21.86
CA GLY B 7 -4.01 -12.17 21.07
C GLY B 7 -5.15 -12.42 20.09
N LEU B 8 -6.24 -11.67 20.16
CA LEU B 8 -7.40 -11.86 19.28
C LEU B 8 -7.08 -11.34 17.89
N ARG B 9 -7.48 -12.08 16.86
CA ARG B 9 -7.39 -11.65 15.45
C ARG B 9 -8.59 -10.77 15.14
N VAL B 10 -8.33 -9.64 14.52
CA VAL B 10 -9.30 -8.55 14.38
C VAL B 10 -9.14 -7.94 13.00
N VAL B 11 -10.05 -7.05 12.68
N VAL B 11 -10.07 -7.08 12.62
CA VAL B 11 -10.01 -6.15 11.50
CA VAL B 11 -9.87 -6.16 11.48
C VAL B 11 -10.07 -4.73 12.04
C VAL B 11 -10.07 -4.75 11.99
N ALA B 12 -9.05 -3.90 11.79
CA ALA B 12 -8.91 -2.61 12.49
C ALA B 12 -8.64 -1.48 11.51
N LYS B 13 -9.20 -0.32 11.81
CA LYS B 13 -9.19 0.86 10.94
C LYS B 13 -7.80 1.50 10.91
N TRP B 14 -7.30 1.76 9.70
CA TRP B 14 -6.08 2.55 9.45
C TRP B 14 -6.52 4.00 9.29
N SER B 15 -6.01 4.90 10.14
N SER B 15 -6.01 4.89 10.14
CA SER B 15 -6.59 6.27 10.30
CA SER B 15 -6.55 6.27 10.31
C SER B 15 -6.41 7.12 9.03
C SER B 15 -6.41 7.07 9.00
N SER B 16 -5.29 6.98 8.30
CA SER B 16 -5.02 7.83 7.09
C SER B 16 -6.04 7.57 5.96
N ASN B 17 -6.66 6.37 5.83
CA ASN B 17 -7.55 6.12 4.67
C ASN B 17 -8.92 5.52 5.05
N GLY B 18 -9.14 5.17 6.31
CA GLY B 18 -10.45 4.70 6.79
C GLY B 18 -10.68 3.22 6.50
N TYR B 19 -9.75 2.53 5.83
CA TYR B 19 -9.90 1.08 5.55
C TYR B 19 -9.54 0.27 6.80
N PHE B 20 -10.25 -0.84 6.98
CA PHE B 20 -9.97 -1.87 8.02
C PHE B 20 -9.14 -2.98 7.43
N TYR B 21 -8.04 -3.32 8.11
CA TYR B 21 -7.05 -4.35 7.71
C TYR B 21 -6.93 -5.41 8.79
N SER B 22 -6.54 -6.62 8.38
CA SER B 22 -6.35 -7.78 9.28
C SER B 22 -5.13 -7.57 10.19
N GLY B 23 -5.28 -7.86 11.49
CA GLY B 23 -4.19 -7.86 12.47
C GLY B 23 -4.59 -8.54 13.76
N LYS B 24 -3.76 -8.35 14.79
CA LYS B 24 -3.83 -9.04 16.10
C LYS B 24 -3.68 -7.97 17.17
N ILE B 25 -4.48 -8.01 18.23
CA ILE B 25 -4.27 -7.13 19.42
C ILE B 25 -3.06 -7.67 20.19
N THR B 26 -2.06 -6.84 20.45
CA THR B 26 -0.78 -7.27 21.08
C THR B 26 -0.69 -6.69 22.49
N ARG B 27 -1.49 -5.67 22.82
CA ARG B 27 -1.47 -5.04 24.16
C ARG B 27 -2.70 -4.16 24.36
N ASP B 28 -3.22 -4.17 25.59
CA ASP B 28 -4.25 -3.23 26.11
C ASP B 28 -3.53 -1.97 26.63
N VAL B 29 -3.63 -0.84 25.92
CA VAL B 29 -2.86 0.41 26.20
C VAL B 29 -3.73 1.41 26.98
N GLY B 30 -4.95 1.03 27.40
CA GLY B 30 -5.83 1.90 28.20
C GLY B 30 -6.27 3.13 27.44
N ALA B 31 -7.12 3.96 28.04
CA ALA B 31 -7.89 5.05 27.39
C ALA B 31 -8.62 4.50 26.15
N GLY B 32 -9.13 3.27 26.25
CA GLY B 32 -9.90 2.57 25.19
C GLY B 32 -9.08 2.32 23.93
N LYS B 33 -7.74 2.21 24.05
CA LYS B 33 -6.82 2.02 22.90
C LYS B 33 -6.08 0.68 23.04
N TYR B 34 -5.78 0.09 21.91
CA TYR B 34 -5.12 -1.22 21.79
C TYR B 34 -3.96 -1.04 20.81
N LYS B 35 -2.85 -1.71 21.09
CA LYS B 35 -1.74 -1.83 20.16
C LYS B 35 -2.09 -2.95 19.19
N LEU B 36 -1.98 -2.67 17.89
CA LEU B 36 -2.32 -3.57 16.76
C LEU B 36 -1.02 -3.91 16.02
N LEU B 37 -0.76 -5.19 15.81
CA LEU B 37 0.22 -5.65 14.81
C LEU B 37 -0.61 -6.08 13.60
N PHE B 38 -0.48 -5.36 12.50
CA PHE B 38 -1.21 -5.66 11.25
C PHE B 38 -0.46 -6.78 10.54
N ASP B 39 -1.19 -7.64 9.82
CA ASP B 39 -0.58 -8.74 9.04
C ASP B 39 0.46 -8.18 8.04
N ASP B 40 0.36 -6.91 7.64
CA ASP B 40 1.34 -6.33 6.66
C ASP B 40 2.62 -5.86 7.40
N GLY B 41 2.73 -6.08 8.70
CA GLY B 41 3.96 -5.79 9.47
C GLY B 41 3.95 -4.43 10.16
N TYR B 42 2.95 -3.57 9.93
CA TYR B 42 2.87 -2.25 10.60
C TYR B 42 2.24 -2.42 11.98
N GLU B 43 2.70 -1.63 12.96
CA GLU B 43 2.07 -1.55 14.31
C GLU B 43 1.59 -0.14 14.55
N CYS B 44 0.46 0.00 15.21
CA CYS B 44 0.07 1.28 15.83
C CYS B 44 -1.02 1.05 16.87
N ASP B 45 -1.36 2.12 17.58
CA ASP B 45 -2.44 2.15 18.59
C ASP B 45 -3.74 2.49 17.87
N VAL B 46 -4.81 1.76 18.18
CA VAL B 46 -6.16 1.92 17.57
C VAL B 46 -7.22 1.93 18.68
N LEU B 47 -8.19 2.84 18.57
CA LEU B 47 -9.36 2.93 19.48
C LEU B 47 -10.23 1.67 19.31
N GLY B 48 -10.78 1.16 20.41
CA GLY B 48 -11.78 0.08 20.41
C GLY B 48 -12.90 0.31 19.40
N LYS B 49 -13.35 1.56 19.22
CA LYS B 49 -14.49 1.88 18.31
C LYS B 49 -14.10 1.53 16.86
N ASP B 50 -12.79 1.41 16.58
CA ASP B 50 -12.23 1.22 15.21
C ASP B 50 -11.71 -0.22 15.05
N ILE B 51 -12.12 -1.13 15.91
CA ILE B 51 -11.65 -2.55 15.87
C ILE B 51 -12.88 -3.46 15.74
N LEU B 52 -12.87 -4.37 14.76
CA LEU B 52 -13.91 -5.39 14.56
C LEU B 52 -13.39 -6.76 14.98
N LEU B 53 -14.10 -7.42 15.89
CA LEU B 53 -13.72 -8.77 16.39
C LEU B 53 -14.21 -9.82 15.40
N CYS B 54 -13.91 -9.64 14.12
CA CYS B 54 -14.19 -10.62 13.04
C CYS B 54 -13.08 -11.60 12.88
N ASP B 55 -13.39 -12.86 13.11
CA ASP B 55 -12.42 -13.94 12.84
C ASP B 55 -13.21 -15.21 12.70
N PRO B 56 -13.68 -15.56 11.47
CA PRO B 56 -13.49 -14.72 10.28
C PRO B 56 -14.55 -13.62 10.04
N ILE B 57 -14.32 -12.75 9.06
CA ILE B 57 -15.37 -11.84 8.54
C ILE B 57 -16.55 -12.72 8.10
N PRO B 58 -17.80 -12.40 8.50
CA PRO B 58 -18.91 -13.30 8.26
C PRO B 58 -19.27 -13.45 6.77
N LEU B 59 -19.79 -14.63 6.43
CA LEU B 59 -20.45 -14.92 5.11
C LEU B 59 -21.43 -13.79 4.80
N ASP B 60 -21.51 -13.39 3.53
CA ASP B 60 -22.46 -12.39 2.97
C ASP B 60 -21.99 -10.94 3.22
N THR B 61 -20.80 -10.73 3.76
CA THR B 61 -20.30 -9.38 4.06
C THR B 61 -19.72 -8.80 2.76
N GLU B 62 -20.04 -7.55 2.45
CA GLU B 62 -19.35 -6.85 1.33
C GLU B 62 -17.97 -6.40 1.82
N VAL B 63 -16.94 -6.74 1.05
CA VAL B 63 -15.52 -6.54 1.41
C VAL B 63 -14.83 -5.97 0.18
N THR B 64 -13.54 -5.76 0.30
CA THR B 64 -12.65 -5.26 -0.76
C THR B 64 -11.45 -6.21 -0.87
N ALA B 65 -11.12 -6.70 -2.07
CA ALA B 65 -9.88 -7.49 -2.34
C ALA B 65 -8.72 -6.52 -2.64
N LEU B 66 -7.57 -6.79 -2.04
CA LEU B 66 -6.32 -6.08 -2.36
C LEU B 66 -5.21 -7.12 -2.47
N SER B 67 -4.84 -7.44 -3.71
CA SER B 67 -3.76 -8.41 -4.04
C SER B 67 -2.77 -7.73 -4.97
N GLU B 68 -1.72 -8.43 -5.37
CA GLU B 68 -0.72 -7.91 -6.35
C GLU B 68 -1.40 -7.59 -7.70
N ASP B 69 -2.45 -8.33 -8.08
CA ASP B 69 -3.11 -8.15 -9.41
C ASP B 69 -4.41 -7.34 -9.29
N GLU B 70 -5.02 -7.27 -8.10
CA GLU B 70 -6.37 -6.66 -7.96
C GLU B 70 -6.30 -5.53 -6.94
N TYR B 71 -6.42 -4.31 -7.41
CA TYR B 71 -6.21 -3.10 -6.59
C TYR B 71 -7.56 -2.56 -6.15
N PHE B 72 -7.99 -2.96 -4.95
CA PHE B 72 -9.22 -2.46 -4.30
C PHE B 72 -10.45 -2.83 -5.14
N SER B 73 -10.74 -4.13 -5.25
CA SER B 73 -11.86 -4.69 -6.07
C SER B 73 -12.95 -5.24 -5.13
N ALA B 74 -14.11 -4.58 -5.05
CA ALA B 74 -15.20 -4.92 -4.09
C ALA B 74 -15.86 -6.25 -4.52
N GLY B 75 -16.31 -7.02 -3.53
CA GLY B 75 -17.17 -8.18 -3.76
C GLY B 75 -17.75 -8.64 -2.44
N VAL B 76 -18.30 -9.83 -2.42
CA VAL B 76 -19.06 -10.33 -1.26
C VAL B 76 -18.46 -11.66 -0.81
N VAL B 77 -18.24 -11.81 0.49
CA VAL B 77 -17.71 -13.08 1.05
C VAL B 77 -18.77 -14.18 0.87
N LYS B 78 -18.47 -15.26 0.14
CA LYS B 78 -19.43 -16.39 -0.03
C LYS B 78 -18.83 -17.69 0.51
N GLY B 79 -17.59 -17.68 1.01
CA GLY B 79 -17.02 -18.91 1.57
C GLY B 79 -15.81 -18.64 2.42
N HIS B 80 -15.50 -19.57 3.29
CA HIS B 80 -14.26 -19.61 4.08
C HIS B 80 -13.61 -20.98 3.88
N ARG B 81 -12.30 -21.06 4.04
CA ARG B 81 -11.62 -22.37 4.15
C ARG B 81 -10.28 -22.24 4.86
N LYS B 82 -9.83 -23.38 5.35
CA LYS B 82 -8.49 -23.56 5.97
C LYS B 82 -7.65 -24.35 4.97
N GLU B 83 -6.43 -23.89 4.70
CA GLU B 83 -5.39 -24.67 3.98
C GLU B 83 -4.08 -24.54 4.78
N SER B 84 -3.55 -25.66 5.27
CA SER B 84 -2.35 -25.75 6.16
C SER B 84 -2.43 -24.70 7.28
N GLY B 85 -3.59 -24.54 7.91
CA GLY B 85 -3.79 -23.69 9.11
C GLY B 85 -3.98 -22.20 8.78
N GLU B 86 -4.01 -21.82 7.50
CA GLU B 86 -4.24 -20.41 7.09
C GLU B 86 -5.68 -20.21 6.60
N LEU B 87 -6.28 -19.06 6.89
CA LEU B 87 -7.66 -18.74 6.46
C LEU B 87 -7.62 -18.14 5.04
N TYR B 88 -8.53 -18.61 4.18
CA TYR B 88 -8.84 -18.00 2.86
C TYR B 88 -10.32 -17.66 2.80
N TYR B 89 -10.62 -16.60 2.09
CA TYR B 89 -11.97 -16.09 1.81
C TYR B 89 -12.29 -16.33 0.36
N SER B 90 -13.50 -16.78 0.08
CA SER B 90 -14.04 -16.86 -1.29
C SER B 90 -14.84 -15.60 -1.54
N ILE B 91 -14.41 -14.78 -2.50
CA ILE B 91 -15.09 -13.48 -2.76
C ILE B 91 -15.74 -13.56 -4.13
N GLU B 92 -17.04 -13.32 -4.17
CA GLU B 92 -17.85 -13.34 -5.40
C GLU B 92 -17.86 -11.93 -5.97
N LYS B 93 -17.53 -11.79 -7.26
CA LYS B 93 -17.63 -10.47 -7.94
C LYS B 93 -17.53 -10.73 -9.45
N GLU B 94 -18.25 -9.96 -10.25
CA GLU B 94 -18.14 -10.03 -11.73
C GLU B 94 -18.33 -11.48 -12.20
N GLY B 95 -19.28 -12.21 -11.60
CA GLY B 95 -19.73 -13.53 -12.07
C GLY B 95 -18.82 -14.67 -11.65
N GLN B 96 -17.77 -14.42 -10.84
CA GLN B 96 -16.76 -15.45 -10.46
C GLN B 96 -16.56 -15.43 -8.93
N ARG B 97 -16.17 -16.57 -8.38
CA ARG B 97 -15.66 -16.69 -6.98
C ARG B 97 -14.17 -17.01 -7.05
N LYS B 98 -13.34 -16.33 -6.27
CA LYS B 98 -11.89 -16.63 -6.18
C LYS B 98 -11.51 -16.62 -4.72
N TRP B 99 -10.50 -17.42 -4.36
CA TRP B 99 -9.96 -17.54 -2.98
C TRP B 99 -8.86 -16.51 -2.78
N TYR B 100 -8.94 -15.79 -1.67
CA TYR B 100 -7.98 -14.75 -1.21
C TYR B 100 -7.46 -15.11 0.17
N LYS B 101 -6.17 -14.93 0.43
CA LYS B 101 -5.62 -15.08 1.80
C LYS B 101 -6.23 -14.01 2.69
N ARG B 102 -6.27 -14.28 3.99
CA ARG B 102 -6.86 -13.34 4.99
C ARG B 102 -6.35 -11.90 4.74
N MET B 103 -5.05 -11.73 4.53
CA MET B 103 -4.35 -10.43 4.44
C MET B 103 -4.83 -9.62 3.26
N ALA B 104 -5.40 -10.26 2.27
CA ALA B 104 -5.80 -9.67 0.99
C ALA B 104 -7.24 -9.16 1.07
N VAL B 105 -7.91 -9.33 2.19
CA VAL B 105 -9.32 -8.90 2.33
C VAL B 105 -9.36 -7.75 3.33
N ILE B 106 -9.89 -6.60 2.89
CA ILE B 106 -9.97 -5.38 3.70
C ILE B 106 -11.40 -4.86 3.62
N LEU B 107 -11.71 -3.88 4.42
CA LEU B 107 -13.05 -3.24 4.40
C LEU B 107 -12.87 -1.75 4.25
N SER B 108 -13.62 -1.11 3.36
CA SER B 108 -13.70 0.36 3.31
C SER B 108 -14.35 0.86 4.61
N LEU B 109 -14.22 2.13 4.93
CA LEU B 109 -14.90 2.69 6.14
C LEU B 109 -16.39 2.31 6.11
N GLU B 110 -17.05 2.43 4.97
CA GLU B 110 -18.51 2.18 4.84
C GLU B 110 -18.78 0.68 5.09
N GLN B 111 -17.93 -0.20 4.52
CA GLN B 111 -18.07 -1.66 4.68
C GLN B 111 -17.84 -2.05 6.14
N GLY B 112 -16.90 -1.42 6.82
CA GLY B 112 -16.57 -1.73 8.22
C GLY B 112 -17.52 -1.10 9.19
N ASN B 113 -17.97 0.13 8.92
CA ASN B 113 -18.97 0.85 9.76
C ASN B 113 -20.20 -0.04 9.97
N ARG B 114 -20.67 -0.75 8.93
CA ARG B 114 -21.88 -1.63 8.96
C ARG B 114 -21.74 -2.74 10.02
N LEU B 115 -20.51 -3.15 10.34
CA LEU B 115 -20.26 -4.32 11.21
C LEU B 115 -20.00 -3.90 12.67
N ARG B 116 -19.99 -2.60 12.97
CA ARG B 116 -19.59 -2.09 14.31
C ARG B 116 -20.62 -2.57 15.36
N GLU B 117 -21.92 -2.51 15.05
CA GLU B 117 -22.92 -2.84 16.10
C GLU B 117 -22.74 -4.28 16.58
N GLN B 118 -22.54 -5.25 15.67
CA GLN B 118 -22.43 -6.68 16.03
C GLN B 118 -21.01 -6.99 16.53
N TYR B 119 -19.97 -6.44 15.89
CA TYR B 119 -18.58 -6.95 16.04
C TYR B 119 -17.61 -5.93 16.66
N GLY B 120 -18.01 -4.66 16.80
CA GLY B 120 -17.12 -3.58 17.24
C GLY B 120 -16.71 -3.81 18.69
N LEU B 121 -15.41 -3.73 18.97
CA LEU B 121 -14.91 -3.88 20.35
C LEU B 121 -15.53 -2.74 21.17
N GLY B 122 -15.55 -1.56 20.58
CA GLY B 122 -16.20 -0.37 21.14
C GLY B 122 -15.48 0.09 22.40
N PRO B 123 -16.19 0.72 23.38
CA PRO B 123 -17.62 1.02 23.22
C PRO B 123 -17.83 2.28 22.37
#